data_9KXV
#
_entry.id   9KXV
#
_cell.length_a   1.00
_cell.length_b   1.00
_cell.length_c   1.00
_cell.angle_alpha   90.00
_cell.angle_beta   90.00
_cell.angle_gamma   90.00
#
_symmetry.space_group_name_H-M   'P 1'
#
loop_
_entity.id
_entity.type
_entity.pdbx_description
1 polymer 'Sodium-dependent neutral amino acid transporter B(0)AT1'
2 polymer 'Angiotensin-converting enzyme 2'
3 non-polymer 2-acetamido-2-deoxy-beta-D-glucopyranose
4 non-polymer (~{E})-~{N}-[2-oxidanylidene-2-(3-oxidanylidenepiperazin-1-yl)ethyl]-3-[4-(trifluoromethyl)phenyl]prop-2-enamide
5 water water
#
loop_
_entity_poly.entity_id
_entity_poly.type
_entity_poly.pdbx_seq_one_letter_code
_entity_poly.pdbx_strand_id
1 'polypeptide(L)'
;MADYKDDDDKSGPDEVDASGRVRLVLPNPGLDARIPSLAELETIEQEEASSRPKWDNKAQYMLTCLGFCVGLGNVWRFPY
LCQSHGGGAFMIPFLILLVLEGIPLLYLEFAIGQRLRRGSLGVWSSIHPALKGLGLASMLTSFMVGLYYNTIISWIMWYL
FNSFQEPLPWSDCPLNENQTGYVDECARSSPVDYFWYRETLNISTSISDSGSIQWWMLLCLACAWSVLYMCTIRGIETTG
KAVYITSTLPYVVLTIFLIRGLTLKGATNGIVFLFTPNVTELAQPDTWLDAGAQVFFSFSLAFGGLISFSSYNSVHNNCE
KDSVIVSIINGFTSVYVAIVVYSVIGFRATQRYDDCFSTNILTLINGFDLPEGNVTQENFVDMQQRCNASDPAAYAQLVF
QTCDINAFLSEAVEGTGLAFIVFTEAITKMPLSPLWSVLFFIMLFCLGLSSMFGNMEGVVVPLQDLRVIPPKWPKEVLTG
LICLGTFLIGFIFTLNSGQYWLSLLDSYAGSIPLLIIAFCEMFSVVYVYGVDRFNKDIEFMIGHKPNIFWQVTWRVVSPL
LMLIIFLFFFVVEVSQELTYSIWDPGYEEFPKSQKISYPNWVYVVVVIVAGVPSLTIPGYAIYKLIRNHCQKPGDHQGLV
STLSTASMNGDLKY
;
A
2 'polypeptide(L)'
;MRSSSSWLLLSLVAVTAAQSTIEEQAKTFLDKFNHEAEDLFYQSSLASWNYNTNITEENVQNMNNAGDKWSAFLKEQSTL
AQMYPLQEIQNLTVKLQLQALQQNGSSVLSEDKSKRLNTILNTMSTIYSTGKVCNPDNPQECLLLEPGLNEIMANSLDYN
ERLWAWESWRSEVGKQLRPLYEEYVVLKNEMARANHYEDYGDYWRGDYEVNGVDGYDYSRGQLIEDVEHTFEEIKPLYEH
LHAYVRAKLMNAYPSYISPIGCLPAHLLGDMWGRFWTNLYSLTVPFGQKPNIDVTDAMVDQAWDAQRIFKEAEKFFVSVG
LPNMTQGFWENSMLTDPGNVQKAVCHPTAWDLGKGDFRILMCTKVTMDDFLTAHHEMGHIQYDMAYAAQPFLLRNGANEG
FHEAVGEIMSLSAATPKHLKSIGLLSPDFQEDNETEINFLLKQALTIVGTLPFTYMLEKWRWMVFKGEIPKDQWMKKWWE
MKREIVGVVEPVPHDETYCDPASLFHVSNDYSFIRYYTRTLYQFQFQEALCQAAKHEGPLHKCDISNSTEAGQKLFNMLR
LGKSEPWTLALENVVGAKNMNVRPLLNYFEPLFTWLKDQNKNSFVGWSTDWSPYADQSIKVRISLKSALGDKAYEWNDNE
MYLFRSSVAYAMRQYFLKVKNQMILFGEEDVRVANLKPRISFNFFVTAPKNVSDIIPRTEVEKAIRMSRSRINDAFRLND
NSLEFLGIQPTLGPPNQPPVSIWLIVFGVVMGVIVVGIVILIFTGIRDRKKKNKARSGENPYASIDISKGENNPGFQNTD
DVQTSF
;
B
#
# COMPACT_ATOMS: atom_id res chain seq x y z
N VAL A 25 -22.91 17.97 -19.06
CA VAL A 25 -22.80 18.54 -20.46
C VAL A 25 -23.03 17.40 -21.49
N LEU A 26 -22.57 16.17 -21.27
CA LEU A 26 -22.97 15.02 -22.16
C LEU A 26 -24.45 14.71 -21.88
N PRO A 27 -25.29 14.44 -22.92
CA PRO A 27 -26.68 14.06 -22.71
C PRO A 27 -26.79 12.78 -21.86
N ASN A 28 -27.42 12.93 -20.69
CA ASN A 28 -27.70 11.84 -19.72
C ASN A 28 -29.19 11.93 -19.37
N PRO A 29 -30.08 11.21 -20.11
CA PRO A 29 -31.51 11.15 -19.78
C PRO A 29 -31.81 9.97 -18.84
N GLY A 30 -32.72 10.19 -17.89
CA GLY A 30 -33.12 9.20 -16.87
C GLY A 30 -32.30 9.28 -15.59
N LEU A 31 -31.35 10.20 -15.47
CA LEU A 31 -30.47 10.32 -14.27
C LEU A 31 -31.31 10.50 -13.01
N ASP A 32 -32.33 11.37 -13.07
CA ASP A 32 -33.16 11.78 -11.90
C ASP A 32 -33.91 10.58 -11.33
N ALA A 33 -34.35 9.64 -12.18
CA ALA A 33 -34.99 8.36 -11.77
C ALA A 33 -34.02 7.51 -10.93
N ARG A 34 -32.80 7.28 -11.43
CA ARG A 34 -31.83 6.29 -10.87
C ARG A 34 -31.33 6.77 -9.49
N ILE A 35 -31.04 8.06 -9.32
CA ILE A 35 -30.40 8.61 -8.09
C ILE A 35 -31.47 9.05 -7.10
N PRO A 36 -31.22 9.01 -5.75
CA PRO A 36 -32.12 9.59 -4.74
C PRO A 36 -32.44 11.09 -4.94
N SER A 37 -33.70 11.48 -4.74
CA SER A 37 -34.12 12.89 -4.83
C SER A 37 -33.44 13.67 -3.72
N LEU A 38 -33.18 14.94 -3.99
CA LEU A 38 -32.53 15.84 -3.00
C LEU A 38 -33.41 15.97 -1.76
N ALA A 39 -34.72 16.15 -1.96
CA ALA A 39 -35.74 16.17 -0.87
C ALA A 39 -35.87 14.81 -0.18
N GLU A 40 -35.67 13.69 -0.89
CA GLU A 40 -35.69 12.31 -0.33
C GLU A 40 -34.51 12.11 0.65
N LEU A 41 -33.34 12.74 0.43
CA LEU A 41 -32.19 12.67 1.38
C LEU A 41 -32.55 13.15 2.79
N GLU A 42 -33.40 14.18 2.92
CA GLU A 42 -33.85 14.71 4.25
C GLU A 42 -34.71 13.67 4.99
N THR A 43 -35.33 12.72 4.27
CA THR A 43 -36.20 11.66 4.84
C THR A 43 -35.59 10.29 4.55
N ILE A 44 -34.28 10.13 4.75
CA ILE A 44 -33.56 8.83 4.53
C ILE A 44 -32.71 8.42 5.74
N GLU A 45 -32.16 9.35 6.53
CA GLU A 45 -31.19 9.07 7.63
C GLU A 45 -31.89 8.34 8.78
N GLN A 46 -33.11 8.75 9.14
CA GLN A 46 -33.88 8.21 10.32
C GLN A 46 -34.79 7.05 9.89
N GLU A 47 -34.97 6.77 8.59
CA GLU A 47 -35.81 5.65 8.07
C GLU A 47 -34.95 4.54 7.43
N GLU A 48 -33.67 4.77 7.09
CA GLU A 48 -32.71 3.71 6.62
C GLU A 48 -31.73 3.35 7.75
N ALA A 49 -32.14 3.42 9.03
CA ALA A 49 -31.36 2.96 10.20
C ALA A 49 -30.94 1.50 10.03
N SER A 50 -31.80 0.68 9.42
CA SER A 50 -31.56 -0.73 9.02
C SER A 50 -31.23 -0.82 7.52
N SER A 51 -30.83 -2.00 7.05
CA SER A 51 -30.44 -2.31 5.64
C SER A 51 -29.08 -1.70 5.27
N ARG A 52 -28.78 -0.44 5.64
CA ARG A 52 -27.49 0.23 5.37
C ARG A 52 -26.67 0.33 6.64
N PRO A 53 -25.33 0.18 6.60
CA PRO A 53 -24.49 0.35 7.79
C PRO A 53 -24.38 1.84 8.13
N LYS A 54 -24.04 2.13 9.39
CA LYS A 54 -23.87 3.51 9.90
C LYS A 54 -22.59 3.53 10.71
N TRP A 55 -21.84 4.62 10.66
CA TRP A 55 -20.71 4.82 11.59
C TRP A 55 -21.29 5.12 12.95
N ASP A 56 -20.86 4.41 13.99
CA ASP A 56 -21.22 4.75 15.39
C ASP A 56 -20.86 6.21 15.74
N ASN A 57 -19.72 6.71 15.29
CA ASN A 57 -19.22 8.07 15.64
C ASN A 57 -18.38 8.57 14.46
N LYS A 58 -18.36 9.88 14.26
CA LYS A 58 -17.51 10.53 13.24
C LYS A 58 -16.05 10.11 13.46
N ALA A 59 -15.61 9.91 14.70
CA ALA A 59 -14.23 9.44 15.02
C ALA A 59 -13.93 8.14 14.29
N GLN A 60 -14.88 7.23 14.23
CA GLN A 60 -14.69 5.91 13.58
C GLN A 60 -14.43 6.16 12.10
N TYR A 61 -15.24 6.98 11.45
CA TYR A 61 -15.03 7.29 10.02
C TYR A 61 -13.68 7.99 9.81
N MET A 62 -13.35 8.95 10.65
CA MET A 62 -12.07 9.70 10.48
C MET A 62 -10.90 8.75 10.72
N LEU A 63 -10.97 7.91 11.74
CA LEU A 63 -9.92 6.88 11.94
C LEU A 63 -9.87 5.88 10.77
N THR A 64 -10.96 5.48 10.16
CA THR A 64 -10.93 4.61 8.94
C THR A 64 -10.25 5.37 7.80
N CYS A 65 -10.58 6.64 7.55
CA CYS A 65 -10.00 7.43 6.43
C CYS A 65 -8.51 7.62 6.67
N LEU A 66 -8.14 7.83 7.92
CA LEU A 66 -6.73 7.98 8.31
C LEU A 66 -5.99 6.70 7.90
N GLY A 67 -6.43 5.55 8.39
CA GLY A 67 -5.84 4.25 8.04
C GLY A 67 -5.79 3.88 6.55
N PHE A 68 -6.59 4.50 5.70
CA PHE A 68 -6.67 4.15 4.26
C PHE A 68 -5.95 5.19 3.41
N CYS A 69 -5.83 6.41 3.88
CA CYS A 69 -5.09 7.49 3.17
C CYS A 69 -3.73 7.67 3.81
N VAL A 70 -3.45 7.08 4.97
CA VAL A 70 -2.09 7.09 5.59
C VAL A 70 -1.71 5.69 6.14
N GLY A 71 -2.20 4.60 5.58
CA GLY A 71 -1.65 3.24 5.86
C GLY A 71 -0.40 2.97 5.06
N LEU A 72 -0.18 1.72 4.63
CA LEU A 72 0.83 1.37 3.57
C LEU A 72 0.30 1.92 2.27
N GLY A 73 1.16 2.19 1.33
CA GLY A 73 0.76 2.91 0.11
C GLY A 73 1.15 4.32 0.34
N ASN A 74 0.95 4.87 1.53
CA ASN A 74 1.66 6.10 1.92
C ASN A 74 3.01 5.73 2.56
N VAL A 75 2.95 5.19 3.75
CA VAL A 75 4.10 5.00 4.68
C VAL A 75 5.10 4.00 4.09
N TRP A 76 4.69 3.04 3.27
CA TRP A 76 5.55 1.96 2.71
C TRP A 76 6.16 2.41 1.40
N ARG A 77 5.35 2.97 0.50
CA ARG A 77 5.80 3.32 -0.88
C ARG A 77 6.61 4.61 -0.82
N PHE A 78 6.04 5.72 -0.34
CA PHE A 78 6.67 7.07 -0.36
C PHE A 78 8.17 6.97 -0.03
N PRO A 79 8.57 6.45 1.15
CA PRO A 79 9.98 6.47 1.54
C PRO A 79 10.88 5.74 0.55
N TYR A 80 10.42 4.60 0.02
CA TYR A 80 11.16 3.86 -1.02
C TYR A 80 11.39 4.75 -2.23
N LEU A 81 10.37 5.44 -2.72
CA LEU A 81 10.48 6.25 -3.96
C LEU A 81 11.35 7.48 -3.70
N CYS A 82 11.29 8.05 -2.50
CA CYS A 82 12.22 9.10 -2.06
C CYS A 82 13.66 8.67 -2.31
N GLN A 83 14.07 7.57 -1.72
CA GLN A 83 15.46 7.06 -1.83
C GLN A 83 15.76 6.38 -3.18
N SER A 84 14.81 6.16 -4.07
CA SER A 84 15.01 5.55 -5.41
C SER A 84 15.10 6.61 -6.50
N HIS A 85 14.82 7.87 -6.19
CA HIS A 85 14.96 9.02 -7.11
C HIS A 85 15.94 9.97 -6.43
N GLY A 86 15.47 10.65 -5.38
CA GLY A 86 16.20 11.70 -4.65
C GLY A 86 15.46 12.05 -3.41
N GLY A 87 16.17 12.29 -2.31
CA GLY A 87 15.51 12.53 -1.03
C GLY A 87 14.44 13.61 -1.10
N GLY A 88 14.73 14.77 -1.70
CA GLY A 88 13.83 15.94 -1.77
C GLY A 88 13.39 16.27 -3.17
N ALA A 89 14.03 15.77 -4.22
CA ALA A 89 13.66 15.96 -5.63
C ALA A 89 12.37 15.20 -5.96
N PHE A 90 11.90 14.30 -5.11
CA PHE A 90 10.65 13.53 -5.31
C PHE A 90 9.50 14.12 -4.51
N MET A 91 9.76 14.70 -3.34
CA MET A 91 8.70 15.22 -2.44
C MET A 91 8.04 16.43 -3.13
N ILE A 92 8.83 17.30 -3.75
CA ILE A 92 8.34 18.50 -4.50
C ILE A 92 7.24 18.08 -5.48
N PRO A 93 7.52 17.25 -6.53
CA PRO A 93 6.46 16.81 -7.45
C PRO A 93 5.32 16.10 -6.69
N PHE A 94 5.65 15.27 -5.71
CA PHE A 94 4.62 14.56 -4.91
C PHE A 94 3.66 15.58 -4.27
N LEU A 95 4.19 16.58 -3.57
CA LEU A 95 3.34 17.55 -2.83
C LEU A 95 2.59 18.44 -3.83
N ILE A 96 3.16 18.79 -5.00
CA ILE A 96 2.42 19.55 -6.06
C ILE A 96 1.22 18.73 -6.52
N LEU A 97 1.42 17.47 -6.89
CA LEU A 97 0.32 16.66 -7.47
C LEU A 97 -0.64 16.19 -6.37
N LEU A 98 -0.21 16.12 -5.11
CA LEU A 98 -1.14 15.91 -3.95
C LEU A 98 -2.18 17.03 -3.95
N VAL A 99 -1.74 18.27 -4.13
CA VAL A 99 -2.64 19.46 -4.05
C VAL A 99 -3.51 19.53 -5.30
N LEU A 100 -2.95 19.27 -6.48
CA LEU A 100 -3.61 19.64 -7.76
C LEU A 100 -4.33 18.47 -8.39
N GLU A 101 -4.09 17.25 -7.95
CA GLU A 101 -4.71 16.04 -8.53
C GLU A 101 -5.30 15.13 -7.44
N GLY A 102 -4.89 15.25 -6.18
CA GLY A 102 -5.24 14.34 -5.10
C GLY A 102 -6.34 14.91 -4.23
N ILE A 103 -6.17 16.14 -3.74
CA ILE A 103 -7.19 16.80 -2.88
C ILE A 103 -8.51 16.83 -3.66
N PRO A 104 -8.55 17.30 -4.94
CA PRO A 104 -9.77 17.29 -5.75
C PRO A 104 -10.45 15.94 -5.92
N LEU A 105 -9.73 14.89 -6.34
CA LEU A 105 -10.33 13.54 -6.31
C LEU A 105 -10.79 13.14 -4.90
N LEU A 106 -10.05 13.47 -3.86
CA LEU A 106 -10.41 12.98 -2.50
C LEU A 106 -11.77 13.58 -2.16
N TYR A 107 -11.91 14.90 -2.34
CA TYR A 107 -13.20 15.59 -2.11
C TYR A 107 -14.27 14.97 -3.00
N LEU A 108 -13.98 14.80 -4.29
CA LEU A 108 -15.00 14.28 -5.25
C LEU A 108 -15.54 12.94 -4.78
N GLU A 109 -14.65 11.99 -4.46
CA GLU A 109 -15.06 10.65 -3.98
C GLU A 109 -15.89 10.72 -2.68
N PHE A 110 -15.43 11.48 -1.70
CA PHE A 110 -16.16 11.71 -0.43
C PHE A 110 -17.55 12.26 -0.71
N ALA A 111 -17.65 13.33 -1.51
CA ALA A 111 -18.95 13.97 -1.77
C ALA A 111 -19.87 13.00 -2.52
N ILE A 112 -19.36 12.31 -3.54
CA ILE A 112 -20.25 11.55 -4.45
C ILE A 112 -20.80 10.37 -3.67
N GLY A 113 -19.97 9.76 -2.83
CA GLY A 113 -20.41 8.69 -1.94
C GLY A 113 -21.47 9.20 -0.99
N GLN A 114 -21.25 10.34 -0.36
CA GLN A 114 -22.16 10.90 0.66
C GLN A 114 -23.50 11.25 0.02
N ARG A 115 -23.50 11.65 -1.26
CA ARG A 115 -24.77 12.13 -1.88
C ARG A 115 -25.59 10.97 -2.45
N LEU A 116 -24.95 10.05 -3.17
CA LEU A 116 -25.70 8.97 -3.86
C LEU A 116 -25.87 7.76 -2.95
N ARG A 117 -25.32 7.74 -1.74
CA ARG A 117 -25.67 6.72 -0.70
C ARG A 117 -25.45 5.30 -1.26
N ARG A 118 -24.38 5.08 -2.02
CA ARG A 118 -24.04 3.74 -2.59
C ARG A 118 -22.51 3.59 -2.64
N GLY A 119 -22.04 2.37 -2.87
CA GLY A 119 -20.62 2.10 -3.15
C GLY A 119 -20.21 2.51 -4.56
N SER A 120 -18.94 2.28 -4.89
CA SER A 120 -18.36 2.59 -6.22
C SER A 120 -19.25 1.99 -7.30
N LEU A 121 -19.59 0.71 -7.23
CA LEU A 121 -20.39 0.07 -8.30
C LEU A 121 -21.80 0.68 -8.31
N GLY A 122 -22.42 0.91 -7.17
CA GLY A 122 -23.71 1.61 -7.17
C GLY A 122 -23.60 3.03 -7.71
N VAL A 123 -22.57 3.77 -7.33
CA VAL A 123 -22.40 5.19 -7.72
C VAL A 123 -22.28 5.26 -9.25
N TRP A 124 -21.34 4.59 -9.92
CA TRP A 124 -21.05 4.92 -11.35
C TRP A 124 -22.18 4.38 -12.21
N SER A 125 -22.81 3.28 -11.79
CA SER A 125 -23.93 2.62 -12.49
C SER A 125 -25.15 3.55 -12.47
N SER A 126 -25.37 4.24 -11.36
CA SER A 126 -26.51 5.18 -11.24
C SER A 126 -26.22 6.50 -11.98
N ILE A 127 -24.97 7.02 -12.01
CA ILE A 127 -24.65 8.24 -12.84
C ILE A 127 -24.87 7.92 -14.34
N HIS A 128 -24.57 6.72 -14.82
CA HIS A 128 -24.91 6.27 -16.20
C HIS A 128 -24.82 4.75 -16.24
N PRO A 129 -25.83 3.99 -16.73
CA PRO A 129 -25.69 2.52 -16.84
C PRO A 129 -24.48 1.92 -17.61
N ALA A 130 -23.88 2.62 -18.56
CA ALA A 130 -22.66 2.22 -19.31
C ALA A 130 -21.41 2.32 -18.45
N LEU A 131 -21.46 3.04 -17.34
CA LEU A 131 -20.29 3.19 -16.44
C LEU A 131 -20.29 2.14 -15.32
N LYS A 132 -21.00 1.01 -15.39
CA LYS A 132 -20.83 -0.07 -14.40
C LYS A 132 -19.41 -0.68 -14.52
N GLY A 133 -18.78 -0.60 -15.69
CA GLY A 133 -17.37 -0.95 -15.97
C GLY A 133 -16.37 -0.24 -15.08
N LEU A 134 -16.64 1.02 -14.74
CA LEU A 134 -15.79 1.86 -13.84
C LEU A 134 -15.75 1.18 -12.46
N GLY A 135 -16.88 0.69 -12.01
CA GLY A 135 -17.02 0.03 -10.72
C GLY A 135 -16.43 -1.35 -10.68
N LEU A 136 -16.46 -2.07 -11.79
CA LEU A 136 -15.83 -3.42 -11.89
C LEU A 136 -14.31 -3.27 -11.94
N ALA A 137 -13.81 -2.20 -12.51
CA ALA A 137 -12.36 -1.97 -12.63
C ALA A 137 -11.78 -1.56 -11.26
N SER A 138 -12.56 -0.85 -10.44
CA SER A 138 -12.17 -0.54 -9.05
C SER A 138 -12.15 -1.82 -8.19
N MET A 139 -13.11 -2.73 -8.33
CA MET A 139 -13.18 -3.97 -7.52
C MET A 139 -11.94 -4.84 -7.85
N LEU A 140 -11.59 -5.00 -9.13
CA LEU A 140 -10.41 -5.81 -9.57
C LEU A 140 -9.13 -5.16 -9.09
N THR A 141 -9.02 -3.84 -9.24
CA THR A 141 -7.82 -3.08 -8.78
C THR A 141 -7.65 -3.28 -7.27
N SER A 142 -8.74 -3.18 -6.55
CA SER A 142 -8.77 -3.31 -5.08
C SER A 142 -8.35 -4.73 -4.70
N PHE A 143 -8.83 -5.71 -5.45
CA PHE A 143 -8.48 -7.13 -5.31
C PHE A 143 -6.97 -7.27 -5.39
N MET A 144 -6.39 -6.73 -6.46
CA MET A 144 -4.95 -6.86 -6.81
C MET A 144 -4.08 -6.13 -5.81
N VAL A 145 -4.50 -5.00 -5.29
CA VAL A 145 -3.66 -4.23 -4.36
C VAL A 145 -3.78 -4.87 -2.98
N GLY A 146 -4.92 -5.41 -2.63
CA GLY A 146 -5.06 -6.26 -1.44
C GLY A 146 -4.19 -7.51 -1.50
N LEU A 147 -4.09 -8.16 -2.66
CA LEU A 147 -3.29 -9.40 -2.80
C LEU A 147 -1.81 -9.03 -2.60
N TYR A 148 -1.37 -7.90 -3.16
CA TYR A 148 0.00 -7.38 -2.99
C TYR A 148 0.25 -7.07 -1.52
N TYR A 149 -0.56 -6.22 -0.92
CA TYR A 149 -0.27 -5.70 0.45
C TYR A 149 -0.41 -6.81 1.50
N ASN A 150 -1.18 -7.86 1.24
CA ASN A 150 -1.31 -8.88 2.28
C ASN A 150 -0.09 -9.84 2.25
N THR A 151 0.58 -9.98 1.12
CA THR A 151 1.86 -10.71 1.04
C THR A 151 2.94 -9.94 1.83
N ILE A 152 3.04 -8.62 1.61
CA ILE A 152 3.92 -7.73 2.42
C ILE A 152 3.55 -7.95 3.92
N ILE A 153 2.26 -7.99 4.28
CA ILE A 153 1.86 -8.21 5.71
C ILE A 153 2.32 -9.58 6.18
N SER A 154 2.27 -10.61 5.34
CA SER A 154 2.75 -11.97 5.74
C SER A 154 4.25 -11.94 6.02
N TRP A 155 5.02 -11.25 5.22
CA TRP A 155 6.47 -11.02 5.50
C TRP A 155 6.66 -10.26 6.79
N ILE A 156 5.87 -9.22 7.02
CA ILE A 156 5.99 -8.39 8.24
C ILE A 156 5.76 -9.31 9.44
N MET A 157 4.76 -10.18 9.40
CA MET A 157 4.45 -11.13 10.50
C MET A 157 5.58 -12.13 10.68
N TRP A 158 6.15 -12.66 9.60
CA TRP A 158 7.34 -13.54 9.72
C TRP A 158 8.39 -12.82 10.59
N TYR A 159 8.72 -11.59 10.26
CA TYR A 159 9.71 -10.81 11.03
C TYR A 159 9.24 -10.48 12.43
N LEU A 160 7.97 -10.21 12.63
CA LEU A 160 7.45 -9.97 14.00
C LEU A 160 7.52 -11.28 14.80
N PHE A 161 7.26 -12.44 14.22
CA PHE A 161 7.36 -13.74 14.96
C PHE A 161 8.80 -14.09 15.32
N ASN A 162 9.80 -13.64 14.56
CA ASN A 162 11.23 -13.86 14.90
C ASN A 162 11.78 -12.71 15.76
N SER A 163 10.99 -11.78 16.28
CA SER A 163 11.47 -10.61 17.04
C SER A 163 11.42 -10.86 18.56
N PHE A 164 11.13 -12.06 19.06
CA PHE A 164 11.08 -12.37 20.51
C PHE A 164 12.33 -13.22 20.90
N GLN A 165 13.53 -12.81 20.49
CA GLN A 165 14.80 -13.58 20.66
C GLN A 165 15.97 -12.63 20.93
N GLU A 166 16.60 -12.66 22.12
CA GLU A 166 17.58 -11.60 22.54
C GLU A 166 18.55 -11.32 21.39
N PRO A 167 19.31 -12.32 20.89
CA PRO A 167 20.00 -12.20 19.60
C PRO A 167 19.02 -12.45 18.42
N LEU A 168 18.50 -11.34 17.91
CA LEU A 168 17.60 -11.36 16.71
C LEU A 168 18.15 -12.32 15.66
N PRO A 169 17.36 -13.22 15.04
CA PRO A 169 17.89 -14.24 14.12
C PRO A 169 18.72 -13.77 12.91
N TRP A 170 18.54 -12.53 12.52
CA TRP A 170 19.24 -11.92 11.37
C TRP A 170 20.50 -11.21 11.84
N SER A 171 20.97 -11.40 13.07
CA SER A 171 22.19 -10.70 13.56
C SER A 171 23.43 -11.57 13.33
N ASP A 172 23.29 -12.88 13.11
CA ASP A 172 24.42 -13.84 13.03
C ASP A 172 24.18 -14.80 11.86
N CYS A 173 25.27 -15.31 11.30
CA CYS A 173 25.27 -16.25 10.15
C CYS A 173 25.05 -17.66 10.70
N PRO A 174 24.71 -18.67 9.86
CA PRO A 174 24.72 -20.07 10.28
C PRO A 174 26.17 -20.62 10.31
N LEU A 175 26.43 -21.84 9.85
CA LEU A 175 27.77 -22.47 9.89
C LEU A 175 27.92 -23.52 8.78
N ASN A 176 28.99 -24.32 8.80
CA ASN A 176 29.23 -25.42 7.83
C ASN A 176 29.06 -26.76 8.57
N GLU A 177 28.97 -27.88 7.85
CA GLU A 177 29.02 -29.26 8.42
C GLU A 177 30.20 -29.42 9.39
N ASN A 178 31.34 -28.77 9.12
CA ASN A 178 32.49 -28.70 10.07
C ASN A 178 32.16 -27.89 11.34
N GLN A 179 31.00 -27.22 11.41
CA GLN A 179 30.63 -26.28 12.50
C GLN A 179 31.84 -25.41 12.84
N THR A 180 32.59 -24.98 11.83
CA THR A 180 33.76 -24.06 11.95
C THR A 180 33.86 -23.05 10.77
N GLY A 181 33.10 -23.22 9.67
CA GLY A 181 32.99 -22.31 8.52
C GLY A 181 31.61 -21.68 8.44
N TYR A 182 31.53 -20.34 8.43
CA TYR A 182 30.26 -19.57 8.17
C TYR A 182 29.75 -19.89 6.76
N VAL A 183 28.42 -19.98 6.58
CA VAL A 183 27.79 -20.28 5.26
C VAL A 183 28.40 -19.28 4.27
N ASP A 184 28.89 -19.77 3.13
CA ASP A 184 29.66 -18.92 2.17
C ASP A 184 28.79 -17.75 1.71
N GLU A 185 27.52 -18.03 1.38
CA GLU A 185 26.53 -17.00 0.99
C GLU A 185 26.53 -15.88 2.03
N CYS A 186 26.14 -16.21 3.27
CA CYS A 186 26.18 -15.28 4.43
C CYS A 186 27.51 -14.53 4.43
N ALA A 187 28.63 -15.27 4.25
CA ALA A 187 30.00 -14.71 4.29
C ALA A 187 30.14 -13.73 3.14
N ARG A 188 29.92 -14.17 1.91
CA ARG A 188 29.98 -13.26 0.74
C ARG A 188 28.94 -12.12 0.82
N SER A 189 27.87 -12.27 1.63
CA SER A 189 26.79 -11.26 1.75
C SER A 189 26.75 -10.71 3.17
N SER A 190 25.67 -10.93 3.93
CA SER A 190 25.46 -10.43 5.31
C SER A 190 24.37 -11.25 6.00
N PRO A 191 24.43 -11.41 7.34
CA PRO A 191 23.41 -12.18 8.07
C PRO A 191 22.03 -11.64 7.73
N VAL A 192 21.93 -10.33 7.60
CA VAL A 192 20.65 -9.67 7.23
C VAL A 192 20.25 -10.12 5.82
N ASP A 193 21.05 -9.83 4.82
CA ASP A 193 20.81 -10.30 3.44
C ASP A 193 20.55 -11.80 3.40
N TYR A 194 21.20 -12.58 4.22
CA TYR A 194 21.04 -14.04 4.18
C TYR A 194 19.73 -14.40 4.88
N PHE A 195 19.41 -13.77 6.01
CA PHE A 195 18.09 -14.03 6.63
C PHE A 195 16.90 -13.66 5.71
N TRP A 196 17.02 -12.59 4.92
CA TRP A 196 15.96 -12.19 3.94
C TRP A 196 15.88 -13.21 2.82
N TYR A 197 16.96 -13.36 2.07
CA TYR A 197 16.91 -14.12 0.80
C TYR A 197 16.85 -15.62 1.03
N ARG A 198 17.55 -16.12 2.04
CA ARG A 198 17.68 -17.58 2.22
C ARG A 198 16.72 -18.04 3.31
N GLU A 199 16.78 -17.45 4.48
CA GLU A 199 15.97 -17.99 5.61
C GLU A 199 14.49 -17.62 5.49
N THR A 200 14.09 -16.64 4.74
CA THR A 200 12.71 -16.13 4.73
C THR A 200 12.05 -16.52 3.41
N LEU A 201 12.67 -16.05 2.33
CA LEU A 201 12.25 -16.28 0.94
C LEU A 201 12.68 -17.68 0.48
N ASN A 202 13.88 -18.14 0.81
CA ASN A 202 14.50 -19.34 0.20
C ASN A 202 14.50 -19.18 -1.32
N ILE A 203 14.93 -18.00 -1.75
CA ILE A 203 14.68 -17.50 -3.13
C ILE A 203 15.42 -18.34 -4.16
N SER A 204 14.85 -18.49 -5.33
CA SER A 204 15.49 -19.16 -6.49
C SER A 204 16.26 -18.15 -7.31
N THR A 205 16.88 -18.56 -8.40
CA THR A 205 17.84 -17.71 -9.14
C THR A 205 17.17 -16.99 -10.30
N SER A 206 15.86 -17.10 -10.51
CA SER A 206 15.08 -16.47 -11.63
C SER A 206 13.60 -16.81 -11.47
N ILE A 207 12.73 -16.05 -12.13
CA ILE A 207 11.26 -16.31 -12.14
C ILE A 207 10.96 -17.65 -12.80
N SER A 208 11.74 -18.12 -13.77
CA SER A 208 11.49 -19.43 -14.45
C SER A 208 11.65 -20.58 -13.46
N ASP A 209 12.53 -20.47 -12.46
CA ASP A 209 12.76 -21.51 -11.41
C ASP A 209 11.71 -21.30 -10.32
N SER A 210 10.55 -21.90 -10.49
CA SER A 210 9.41 -21.79 -9.53
C SER A 210 9.73 -22.40 -8.17
N GLY A 211 10.46 -23.52 -8.15
CA GLY A 211 10.65 -24.36 -6.95
C GLY A 211 9.32 -24.94 -6.47
N SER A 212 8.95 -24.61 -5.24
CA SER A 212 7.80 -25.18 -4.49
C SER A 212 7.35 -24.17 -3.42
N ILE A 213 6.41 -24.57 -2.55
CA ILE A 213 5.80 -23.68 -1.52
C ILE A 213 6.66 -23.72 -0.25
N GLN A 214 7.03 -22.56 0.30
CA GLN A 214 7.78 -22.44 1.58
C GLN A 214 6.72 -22.54 2.68
N TRP A 215 6.67 -23.68 3.35
CA TRP A 215 5.58 -23.97 4.33
C TRP A 215 5.51 -22.85 5.37
N TRP A 216 6.65 -22.40 5.88
CA TRP A 216 6.72 -21.35 6.93
C TRP A 216 6.15 -20.03 6.38
N MET A 217 6.33 -19.76 5.09
CA MET A 217 5.69 -18.56 4.45
C MET A 217 4.18 -18.72 4.38
N LEU A 218 3.73 -19.90 3.93
CA LEU A 218 2.30 -20.29 3.92
C LEU A 218 1.64 -20.10 5.31
N LEU A 219 2.29 -20.52 6.38
CA LEU A 219 1.77 -20.27 7.75
C LEU A 219 1.62 -18.79 8.04
N CYS A 220 2.53 -17.97 7.54
CA CYS A 220 2.47 -16.52 7.77
C CYS A 220 1.35 -15.89 6.93
N LEU A 221 1.12 -16.43 5.75
CA LEU A 221 0.07 -15.86 4.88
C LEU A 221 -1.31 -16.17 5.47
N ALA A 222 -1.48 -17.39 5.97
CA ALA A 222 -2.71 -17.84 6.64
C ALA A 222 -2.96 -16.93 7.83
N CYS A 223 -1.93 -16.67 8.62
CA CYS A 223 -2.05 -15.76 9.78
C CYS A 223 -2.53 -14.36 9.36
N ALA A 224 -1.94 -13.77 8.32
CA ALA A 224 -2.33 -12.44 7.80
C ALA A 224 -3.82 -12.41 7.41
N TRP A 225 -4.25 -13.36 6.58
CA TRP A 225 -5.64 -13.45 6.07
C TRP A 225 -6.61 -13.67 7.22
N SER A 226 -6.20 -14.44 8.19
CA SER A 226 -7.10 -14.90 9.26
C SER A 226 -7.32 -13.70 10.19
N VAL A 227 -6.29 -12.93 10.48
CA VAL A 227 -6.42 -11.72 11.34
C VAL A 227 -7.33 -10.71 10.64
N LEU A 228 -7.12 -10.54 9.34
CA LEU A 228 -7.90 -9.61 8.51
C LEU A 228 -9.37 -10.00 8.62
N TYR A 229 -9.67 -11.29 8.44
CA TYR A 229 -11.06 -11.79 8.57
C TYR A 229 -11.66 -11.52 9.95
N MET A 230 -10.95 -11.81 11.02
CA MET A 230 -11.39 -11.45 12.40
C MET A 230 -11.81 -9.97 12.47
N CYS A 231 -11.05 -9.04 11.89
CA CYS A 231 -11.40 -7.58 11.89
C CYS A 231 -12.47 -7.19 10.87
N THR A 232 -12.67 -7.89 9.76
CA THR A 232 -13.58 -7.41 8.69
C THR A 232 -14.81 -8.31 8.61
N ILE A 233 -15.09 -9.10 9.64
CA ILE A 233 -16.08 -10.20 9.58
C ILE A 233 -17.46 -9.59 9.33
N ARG A 234 -17.79 -8.48 10.00
CA ARG A 234 -19.08 -7.76 9.81
C ARG A 234 -18.80 -6.35 9.31
N GLY A 235 -18.00 -6.21 8.25
CA GLY A 235 -17.66 -4.91 7.65
C GLY A 235 -17.45 -3.86 8.73
N ILE A 236 -18.15 -2.71 8.65
CA ILE A 236 -17.79 -1.53 9.51
C ILE A 236 -18.30 -1.75 10.92
N GLU A 237 -19.18 -2.73 11.17
CA GLU A 237 -19.60 -3.11 12.53
C GLU A 237 -18.37 -3.56 13.32
N THR A 238 -17.44 -4.23 12.66
CA THR A 238 -16.22 -4.77 13.29
C THR A 238 -15.00 -3.91 12.94
N THR A 239 -14.86 -3.39 11.72
CA THR A 239 -13.62 -2.65 11.34
C THR A 239 -13.58 -1.29 12.07
N GLY A 240 -14.73 -0.70 12.36
CA GLY A 240 -14.85 0.60 13.07
C GLY A 240 -14.37 0.52 14.50
N LYS A 241 -14.47 -0.62 15.17
CA LYS A 241 -13.84 -0.79 16.51
C LYS A 241 -12.34 -1.10 16.33
N ALA A 242 -11.95 -1.90 15.33
CA ALA A 242 -10.53 -2.27 15.03
C ALA A 242 -9.62 -1.03 14.86
N VAL A 243 -10.13 -0.04 14.11
CA VAL A 243 -9.41 1.22 13.81
C VAL A 243 -9.04 2.00 15.11
N TYR A 244 -9.71 1.82 16.24
CA TYR A 244 -9.31 2.58 17.47
C TYR A 244 -7.88 2.21 17.87
N ILE A 245 -7.47 0.96 17.71
CA ILE A 245 -6.05 0.54 17.95
C ILE A 245 -5.26 0.57 16.65
N THR A 246 -5.84 0.25 15.51
CA THR A 246 -5.08 -0.03 14.25
C THR A 246 -4.69 1.29 13.57
N SER A 247 -5.43 2.37 13.73
CA SER A 247 -5.10 3.70 13.16
C SER A 247 -4.54 4.65 14.24
N THR A 248 -4.26 4.21 15.46
CA THR A 248 -3.70 5.09 16.54
C THR A 248 -2.30 4.60 16.93
N LEU A 249 -2.08 3.30 17.19
CA LEU A 249 -0.74 2.66 17.45
C LEU A 249 0.32 3.06 16.44
N PRO A 250 0.10 2.89 15.11
CA PRO A 250 1.17 3.18 14.16
C PRO A 250 1.77 4.58 14.37
N TYR A 251 0.97 5.56 14.72
CA TYR A 251 1.36 6.98 14.67
C TYR A 251 2.20 7.25 15.92
N VAL A 252 1.81 6.70 17.07
CA VAL A 252 2.60 6.82 18.32
C VAL A 252 3.93 6.08 18.11
N VAL A 253 3.93 4.86 17.57
CA VAL A 253 5.19 4.07 17.47
C VAL A 253 6.12 4.77 16.46
N LEU A 254 5.58 5.34 15.39
CA LEU A 254 6.35 6.10 14.38
C LEU A 254 6.90 7.39 14.99
N THR A 255 6.27 7.91 16.04
CA THR A 255 6.78 9.06 16.83
C THR A 255 7.94 8.66 17.71
N ILE A 256 7.81 7.49 18.32
CA ILE A 256 8.89 6.88 19.12
C ILE A 256 10.10 6.67 18.21
N PHE A 257 9.89 6.16 16.99
CA PHE A 257 10.98 5.89 16.01
C PHE A 257 11.56 7.20 15.47
N LEU A 258 10.76 8.27 15.39
CA LEU A 258 11.31 9.58 14.96
C LEU A 258 12.34 10.01 16.01
N ILE A 259 12.03 9.89 17.31
CA ILE A 259 12.91 10.36 18.41
C ILE A 259 14.11 9.43 18.49
N ARG A 260 13.91 8.12 18.40
CA ARG A 260 15.04 7.14 18.43
C ARG A 260 15.95 7.38 17.22
N GLY A 261 15.32 7.62 16.06
CA GLY A 261 16.02 7.85 14.78
C GLY A 261 16.92 9.07 14.86
N LEU A 262 16.40 10.22 15.30
CA LEU A 262 17.14 11.51 15.29
C LEU A 262 18.37 11.46 16.21
N THR A 263 18.35 10.65 17.27
CA THR A 263 19.47 10.54 18.23
C THR A 263 20.35 9.31 17.94
N LEU A 264 20.27 8.71 16.75
CA LEU A 264 20.98 7.44 16.41
C LEU A 264 22.50 7.56 16.41
N LYS A 265 23.06 8.47 15.60
CA LYS A 265 24.53 8.72 15.47
C LYS A 265 24.75 9.62 14.24
N GLY A 266 24.76 9.09 13.03
CA GLY A 266 24.92 9.89 11.80
C GLY A 266 23.59 10.34 11.24
N ALA A 267 22.56 10.48 12.06
CA ALA A 267 21.16 10.59 11.60
C ALA A 267 20.97 11.94 10.90
N THR A 268 21.47 13.01 11.53
CA THR A 268 21.46 14.42 11.03
C THR A 268 22.15 14.51 9.68
N ASN A 269 23.09 13.63 9.39
CA ASN A 269 23.78 13.54 8.09
C ASN A 269 22.83 13.11 6.98
N GLY A 270 22.07 12.05 7.23
CA GLY A 270 20.98 11.52 6.40
C GLY A 270 19.89 12.54 6.19
N ILE A 271 19.46 13.26 7.22
CA ILE A 271 18.32 14.23 7.11
C ILE A 271 18.79 15.45 6.32
N VAL A 272 20.06 15.84 6.40
CA VAL A 272 20.61 16.90 5.51
C VAL A 272 20.63 16.36 4.08
N PHE A 273 20.86 15.08 3.89
CA PHE A 273 20.93 14.49 2.52
C PHE A 273 19.56 14.51 1.82
N LEU A 274 18.41 14.29 2.47
CA LEU A 274 17.13 14.38 1.69
C LEU A 274 16.69 15.84 1.51
N PHE A 275 17.24 16.80 2.24
CA PHE A 275 16.86 18.24 2.04
C PHE A 275 17.96 18.97 1.27
N THR A 276 18.87 18.26 0.60
CA THR A 276 19.75 18.81 -0.46
C THR A 276 19.52 17.95 -1.70
N PRO A 277 18.36 18.12 -2.39
CA PRO A 277 18.12 17.39 -3.63
C PRO A 277 18.97 17.97 -4.78
N ASN A 278 19.48 17.08 -5.64
CA ASN A 278 19.96 17.42 -7.01
C ASN A 278 18.71 17.78 -7.81
N VAL A 279 18.77 18.88 -8.53
CA VAL A 279 17.64 19.44 -9.33
C VAL A 279 17.74 18.85 -10.74
N THR A 280 18.92 18.44 -11.22
CA THR A 280 19.11 17.73 -12.51
C THR A 280 18.10 16.57 -12.67
N GLU A 281 17.62 15.95 -11.59
CA GLU A 281 16.64 14.85 -11.68
C GLU A 281 15.20 15.31 -11.39
N LEU A 282 15.00 16.51 -10.88
CA LEU A 282 13.67 17.16 -10.85
C LEU A 282 13.13 17.43 -12.27
N ALA A 283 14.00 17.45 -13.29
CA ALA A 283 13.68 17.52 -14.74
C ALA A 283 13.60 16.13 -15.41
N GLN A 284 13.38 15.04 -14.66
CA GLN A 284 13.31 13.66 -15.20
C GLN A 284 11.85 13.21 -15.20
N PRO A 285 11.24 12.97 -16.37
CA PRO A 285 9.83 12.56 -16.42
C PRO A 285 9.46 11.34 -15.55
N ASP A 286 10.39 10.43 -15.25
CA ASP A 286 10.14 9.30 -14.31
C ASP A 286 9.82 9.80 -12.90
N THR A 287 10.53 10.82 -12.42
CA THR A 287 10.24 11.41 -11.09
C THR A 287 8.80 11.93 -11.12
N TRP A 288 8.35 12.48 -12.25
CA TRP A 288 6.98 13.06 -12.28
C TRP A 288 5.95 11.92 -12.36
N LEU A 289 6.21 10.90 -13.15
CA LEU A 289 5.31 9.72 -13.32
C LEU A 289 5.13 8.92 -12.03
N ASP A 290 6.22 8.66 -11.30
CA ASP A 290 6.18 7.92 -10.02
C ASP A 290 5.40 8.73 -8.99
N ALA A 291 5.56 10.05 -9.01
CA ALA A 291 4.88 10.98 -8.08
C ALA A 291 3.40 11.02 -8.47
N GLY A 292 3.13 11.07 -9.77
CA GLY A 292 1.78 10.96 -10.32
C GLY A 292 1.06 9.77 -9.73
N ALA A 293 1.67 8.59 -9.88
CA ALA A 293 1.00 7.32 -9.54
C ALA A 293 1.02 7.15 -8.01
N GLN A 294 1.99 7.74 -7.32
CA GLN A 294 2.07 7.66 -5.85
C GLN A 294 0.90 8.43 -5.25
N VAL A 295 0.49 9.54 -5.85
CA VAL A 295 -0.66 10.30 -5.28
C VAL A 295 -1.86 9.35 -5.19
N PHE A 296 -2.13 8.52 -6.19
CA PHE A 296 -3.32 7.63 -6.10
C PHE A 296 -3.07 6.47 -5.15
N PHE A 297 -1.86 5.94 -5.00
CA PHE A 297 -1.61 4.86 -4.02
C PHE A 297 -1.62 5.44 -2.60
N SER A 298 -1.09 6.64 -2.38
CA SER A 298 -1.00 7.28 -1.04
C SER A 298 -2.41 7.43 -0.45
N PHE A 299 -3.34 8.04 -1.22
CA PHE A 299 -4.71 8.34 -0.73
C PHE A 299 -5.64 7.11 -0.85
N SER A 300 -5.24 6.03 -1.53
CA SER A 300 -6.13 4.90 -1.85
C SER A 300 -7.32 5.39 -2.70
N LEU A 301 -7.06 6.38 -3.56
CA LEU A 301 -8.06 6.84 -4.58
C LEU A 301 -8.22 5.75 -5.63
N ALA A 302 -9.34 5.83 -6.37
CA ALA A 302 -9.67 4.94 -7.51
C ALA A 302 -9.67 3.44 -7.13
N PHE A 303 -9.85 3.11 -5.85
CA PHE A 303 -10.03 1.74 -5.32
C PHE A 303 -11.49 1.49 -4.98
N GLY A 304 -12.20 2.53 -4.54
CA GLY A 304 -13.64 2.57 -4.35
C GLY A 304 -14.03 2.42 -2.90
N GLY A 305 -13.10 2.08 -2.00
CA GLY A 305 -13.37 1.96 -0.57
C GLY A 305 -13.80 3.29 0.03
N LEU A 306 -13.16 4.37 -0.40
CA LEU A 306 -13.46 5.73 0.12
C LEU A 306 -14.90 6.10 -0.22
N ILE A 307 -15.38 5.77 -1.42
CA ILE A 307 -16.77 6.11 -1.82
C ILE A 307 -17.73 5.35 -0.90
N SER A 308 -17.54 4.04 -0.73
CA SER A 308 -18.38 3.22 0.17
C SER A 308 -18.38 3.80 1.59
N PHE A 309 -17.22 4.13 2.11
CA PHE A 309 -17.11 4.59 3.50
C PHE A 309 -17.78 5.94 3.66
N SER A 310 -17.64 6.83 2.69
CA SER A 310 -18.27 8.17 2.79
C SER A 310 -19.80 8.02 2.63
N SER A 311 -20.28 7.01 1.90
CA SER A 311 -21.72 6.72 1.75
C SER A 311 -22.41 6.32 3.07
N TYR A 312 -21.72 6.00 4.15
CA TYR A 312 -22.36 5.69 5.46
C TYR A 312 -22.44 6.92 6.36
N ASN A 313 -22.03 8.10 5.90
CA ASN A 313 -22.06 9.32 6.74
C ASN A 313 -23.43 9.99 6.62
N SER A 314 -23.73 10.91 7.54
CA SER A 314 -24.91 11.78 7.50
C SER A 314 -24.92 12.58 6.18
N VAL A 315 -26.08 12.83 5.59
CA VAL A 315 -26.14 13.62 4.32
C VAL A 315 -25.66 15.04 4.62
N HIS A 316 -25.71 15.54 5.85
CA HIS A 316 -25.24 16.91 6.19
C HIS A 316 -23.82 16.90 6.78
N ASN A 317 -23.02 15.90 6.44
CA ASN A 317 -21.61 15.76 6.89
C ASN A 317 -20.72 16.66 6.05
N ASN A 318 -19.78 17.36 6.68
CA ASN A 318 -18.90 18.28 5.92
C ASN A 318 -17.80 17.46 5.25
N CYS A 319 -18.02 17.02 4.01
CA CYS A 319 -17.03 16.20 3.27
C CYS A 319 -15.85 17.07 2.75
N GLU A 320 -16.03 18.37 2.53
CA GLU A 320 -14.93 19.28 2.10
C GLU A 320 -13.84 19.36 3.17
N LYS A 321 -14.26 19.61 4.41
CA LYS A 321 -13.37 19.79 5.57
C LYS A 321 -12.66 18.46 5.80
N ASP A 322 -13.37 17.34 5.68
CA ASP A 322 -12.77 16.01 5.86
C ASP A 322 -11.69 15.77 4.81
N SER A 323 -11.97 16.07 3.56
CA SER A 323 -10.97 15.82 2.49
C SER A 323 -9.70 16.64 2.79
N VAL A 324 -9.87 17.91 3.18
CA VAL A 324 -8.72 18.81 3.48
C VAL A 324 -7.94 18.27 4.67
N ILE A 325 -8.63 17.84 5.73
CA ILE A 325 -7.95 17.39 6.99
C ILE A 325 -7.16 16.12 6.68
N VAL A 326 -7.79 15.18 5.98
CA VAL A 326 -7.13 13.91 5.55
C VAL A 326 -5.89 14.25 4.72
N SER A 327 -6.05 15.14 3.76
CA SER A 327 -4.95 15.54 2.86
C SER A 327 -3.78 16.08 3.66
N ILE A 328 -4.02 17.11 4.46
CA ILE A 328 -2.95 17.76 5.28
C ILE A 328 -2.21 16.65 6.02
N ILE A 329 -2.92 15.75 6.70
CA ILE A 329 -2.29 14.63 7.46
C ILE A 329 -1.49 13.77 6.45
N ASN A 330 -2.01 13.51 5.25
CA ASN A 330 -1.31 12.64 4.26
C ASN A 330 0.05 13.25 3.88
N GLY A 331 0.09 14.52 3.49
CA GLY A 331 1.33 15.21 3.15
C GLY A 331 2.27 15.29 4.34
N PHE A 332 1.76 15.68 5.51
CA PHE A 332 2.62 15.83 6.71
C PHE A 332 3.24 14.45 7.04
N THR A 333 2.44 13.37 6.99
CA THR A 333 2.93 12.02 7.34
C THR A 333 3.94 11.53 6.30
N SER A 334 3.72 11.79 5.01
CA SER A 334 4.73 11.51 3.94
C SER A 334 6.10 12.10 4.30
N VAL A 335 6.17 13.37 4.67
CA VAL A 335 7.44 14.08 4.94
C VAL A 335 8.02 13.54 6.26
N TYR A 336 7.20 13.29 7.27
CA TYR A 336 7.60 12.76 8.61
C TYR A 336 8.31 11.39 8.46
N VAL A 337 7.72 10.48 7.69
CA VAL A 337 8.21 9.08 7.48
C VAL A 337 9.51 9.20 6.69
N ALA A 338 9.64 10.12 5.74
CA ALA A 338 10.90 10.34 5.01
C ALA A 338 12.01 10.73 6.01
N ILE A 339 11.69 11.48 7.05
CA ILE A 339 12.67 11.88 8.11
C ILE A 339 13.08 10.64 8.92
N VAL A 340 12.11 9.83 9.33
CA VAL A 340 12.38 8.56 10.06
C VAL A 340 13.23 7.61 9.17
N VAL A 341 13.06 7.57 7.85
CA VAL A 341 13.84 6.59 7.04
C VAL A 341 15.27 7.10 6.92
N TYR A 342 15.41 8.31 6.46
CA TYR A 342 16.71 8.93 6.20
C TYR A 342 17.56 9.09 7.46
N SER A 343 16.96 9.34 8.60
CA SER A 343 17.74 9.30 9.86
C SER A 343 18.38 7.88 9.96
N VAL A 344 17.64 6.82 9.65
CA VAL A 344 18.19 5.43 9.72
C VAL A 344 19.13 5.21 8.54
N ILE A 345 18.82 5.71 7.34
CA ILE A 345 19.75 5.63 6.16
C ILE A 345 21.08 6.27 6.52
N GLY A 346 21.00 7.43 7.18
CA GLY A 346 22.17 8.24 7.55
C GLY A 346 23.02 7.50 8.56
N PHE A 347 22.35 6.89 9.52
CA PHE A 347 22.97 6.01 10.53
C PHE A 347 23.72 4.85 9.90
N ARG A 348 23.17 4.20 8.89
CA ARG A 348 23.81 3.02 8.23
C ARG A 348 25.06 3.49 7.44
N ALA A 349 24.91 4.56 6.66
CA ALA A 349 25.98 5.08 5.80
C ALA A 349 27.15 5.53 6.68
N THR A 350 26.86 6.16 7.82
CA THR A 350 27.92 6.67 8.72
C THR A 350 28.65 5.50 9.38
N GLN A 351 27.93 4.46 9.79
CA GLN A 351 28.61 3.27 10.38
C GLN A 351 29.34 2.51 9.29
N ARG A 352 29.07 2.70 8.00
CA ARG A 352 29.89 2.08 6.93
C ARG A 352 31.17 2.92 6.76
N TYR A 353 31.01 4.21 6.52
CA TYR A 353 32.10 5.19 6.35
C TYR A 353 33.15 4.91 7.43
N ASP A 354 32.72 4.94 8.68
CA ASP A 354 33.56 4.64 9.86
C ASP A 354 34.21 3.27 9.69
N ASP A 355 33.40 2.21 9.56
CA ASP A 355 33.91 0.81 9.40
C ASP A 355 34.99 0.82 8.33
N CYS A 356 34.61 1.14 7.09
CA CYS A 356 35.52 1.22 5.94
C CYS A 356 36.77 2.01 6.32
N PHE A 357 36.57 3.14 7.00
CA PHE A 357 37.68 4.02 7.46
C PHE A 357 38.57 3.23 8.40
N SER A 358 37.98 2.62 9.42
CA SER A 358 38.72 1.87 10.47
C SER A 358 39.49 0.68 9.86
N THR A 359 39.10 0.16 8.71
CA THR A 359 39.84 -0.91 8.01
C THR A 359 40.97 -0.32 7.18
N ASN A 360 40.81 0.86 6.61
CA ASN A 360 41.93 1.52 5.89
C ASN A 360 42.98 1.93 6.89
N ILE A 361 42.60 2.21 8.14
CA ILE A 361 43.55 2.53 9.23
C ILE A 361 44.26 1.23 9.55
N LEU A 362 43.51 0.15 9.74
CA LEU A 362 44.09 -1.16 10.16
C LEU A 362 44.97 -1.78 9.05
N THR A 363 44.92 -1.43 7.76
CA THR A 363 45.78 -2.01 6.70
C THR A 363 47.20 -1.48 6.88
N LEU A 364 47.42 -0.18 7.07
CA LEU A 364 48.81 0.36 7.17
C LEU A 364 49.41 0.13 8.57
N ILE A 365 48.58 0.07 9.61
CA ILE A 365 49.04 -0.33 10.99
C ILE A 365 49.49 -1.79 10.94
N ASN A 366 48.84 -2.65 10.18
CA ASN A 366 49.28 -4.07 10.04
C ASN A 366 50.47 -4.21 9.08
N GLY A 367 50.84 -3.16 8.32
CA GLY A 367 51.93 -3.14 7.33
C GLY A 367 53.17 -2.39 7.79
N PHE A 368 53.06 -1.39 8.68
CA PHE A 368 54.18 -0.46 9.03
C PHE A 368 54.38 -0.33 10.54
N ASP A 369 53.82 -1.19 11.40
CA ASP A 369 53.85 -1.10 12.90
C ASP A 369 53.25 0.24 13.38
N LEU A 398 49.88 -2.95 0.28
CA LEU A 398 49.00 -2.15 1.16
C LEU A 398 47.71 -1.79 0.39
N VAL A 399 46.71 -2.68 0.43
CA VAL A 399 45.38 -2.47 -0.23
C VAL A 399 44.56 -1.49 0.62
N PHE A 400 43.79 -0.64 -0.04
CA PHE A 400 42.91 0.37 0.60
C PHE A 400 41.57 0.44 -0.14
N GLN A 401 40.64 1.17 0.46
CA GLN A 401 39.21 1.28 0.06
C GLN A 401 38.96 2.75 -0.21
N THR A 402 38.07 3.06 -1.16
CA THR A 402 37.71 4.48 -1.40
C THR A 402 36.30 4.67 -0.84
N CYS A 403 36.15 5.39 0.28
CA CYS A 403 34.78 5.42 0.88
C CYS A 403 34.37 6.78 1.45
N ASP A 404 34.12 7.77 0.59
CA ASP A 404 33.51 9.06 1.03
C ASP A 404 32.12 8.73 1.57
N ILE A 405 31.52 9.63 2.33
CA ILE A 405 30.18 9.43 2.94
C ILE A 405 29.07 9.64 1.91
N ASN A 406 29.27 10.44 0.87
CA ASN A 406 28.20 10.75 -0.11
C ASN A 406 27.98 9.55 -1.05
N ALA A 407 28.96 8.67 -1.19
CA ALA A 407 28.87 7.41 -1.97
C ALA A 407 28.10 6.36 -1.18
N PHE A 408 28.00 6.50 0.14
CA PHE A 408 27.24 5.54 0.99
C PHE A 408 25.79 5.98 1.13
N LEU A 409 25.51 7.29 1.30
CA LEU A 409 24.13 7.82 1.45
C LEU A 409 23.37 7.59 0.15
N SER A 410 24.00 7.81 -0.98
CA SER A 410 23.35 7.71 -2.31
C SER A 410 23.51 6.29 -2.89
N GLU A 411 23.42 5.25 -2.07
CA GLU A 411 23.50 3.81 -2.48
C GLU A 411 22.08 3.27 -2.37
N ALA A 412 21.38 3.17 -3.50
CA ALA A 412 19.93 2.86 -3.52
C ALA A 412 19.75 1.40 -3.10
N VAL A 413 18.58 1.11 -2.55
CA VAL A 413 18.19 -0.22 -2.03
C VAL A 413 17.10 -0.73 -2.96
N GLU A 414 17.29 -1.87 -3.61
CA GLU A 414 16.28 -2.45 -4.53
C GLU A 414 15.28 -3.25 -3.69
N GLY A 415 14.01 -3.29 -4.12
CA GLY A 415 12.98 -4.20 -3.56
C GLY A 415 12.50 -3.74 -2.21
N THR A 416 12.38 -4.63 -1.24
CA THR A 416 11.85 -4.34 0.11
C THR A 416 13.00 -4.14 1.10
N GLY A 417 14.23 -3.92 0.62
CA GLY A 417 15.44 -3.84 1.44
C GLY A 417 15.32 -2.81 2.54
N LEU A 418 14.69 -1.68 2.29
CA LEU A 418 14.58 -0.60 3.29
C LEU A 418 13.96 -1.17 4.59
N ALA A 419 13.02 -2.12 4.52
CA ALA A 419 12.32 -2.70 5.70
C ALA A 419 13.09 -3.92 6.25
N PHE A 420 13.45 -4.87 5.42
CA PHE A 420 13.98 -6.17 5.90
C PHE A 420 15.51 -6.21 5.80
N ILE A 421 16.17 -5.22 5.21
CA ILE A 421 17.67 -5.16 5.22
C ILE A 421 18.13 -3.91 6.01
N VAL A 422 17.67 -2.69 5.76
CA VAL A 422 18.31 -1.47 6.33
C VAL A 422 17.80 -1.28 7.77
N PHE A 423 16.51 -1.17 7.94
CA PHE A 423 15.90 -1.02 9.28
C PHE A 423 16.23 -2.24 10.16
N THR A 424 16.25 -3.46 9.63
CA THR A 424 16.55 -4.64 10.49
C THR A 424 18.00 -4.58 10.97
N GLU A 425 18.97 -4.24 10.12
CA GLU A 425 20.40 -4.20 10.50
C GLU A 425 20.58 -3.15 11.58
N ALA A 426 19.96 -1.99 11.38
CA ALA A 426 20.13 -0.83 12.28
C ALA A 426 19.50 -1.16 13.64
N ILE A 427 18.37 -1.88 13.68
CA ILE A 427 17.75 -2.27 14.98
C ILE A 427 18.68 -3.21 15.74
N THR A 428 19.45 -4.08 15.08
CA THR A 428 20.36 -5.00 15.82
C THR A 428 21.47 -4.19 16.48
N LYS A 429 22.03 -3.19 15.79
CA LYS A 429 23.04 -2.25 16.36
C LYS A 429 22.51 -1.42 17.53
N MET A 430 21.20 -1.27 17.71
CA MET A 430 20.61 -0.53 18.88
C MET A 430 20.59 -1.42 20.11
N PRO A 431 20.66 -0.88 21.35
CA PRO A 431 20.37 -1.65 22.55
C PRO A 431 18.88 -2.03 22.61
N LEU A 432 18.53 -2.95 23.50
CA LEU A 432 17.20 -3.61 23.56
C LEU A 432 16.69 -3.87 22.13
N SER A 433 17.55 -4.41 21.25
CA SER A 433 17.22 -4.63 19.82
C SER A 433 15.91 -5.43 19.69
N PRO A 434 15.59 -6.44 20.53
CA PRO A 434 14.30 -7.12 20.40
C PRO A 434 13.07 -6.25 20.68
N LEU A 435 13.15 -5.26 21.58
CA LEU A 435 11.98 -4.35 21.81
C LEU A 435 11.80 -3.39 20.61
N TRP A 436 12.86 -2.93 19.95
CA TRP A 436 12.70 -2.05 18.75
C TRP A 436 12.24 -2.88 17.56
N SER A 437 12.55 -4.18 17.51
CA SER A 437 12.14 -5.03 16.36
C SER A 437 10.63 -5.25 16.44
N VAL A 438 10.14 -5.51 17.64
CA VAL A 438 8.71 -5.80 17.90
C VAL A 438 7.89 -4.53 17.67
N LEU A 439 8.31 -3.40 18.20
CA LEU A 439 7.65 -2.11 17.91
C LEU A 439 7.64 -1.85 16.41
N PHE A 440 8.74 -1.99 15.70
CA PHE A 440 8.80 -1.72 14.24
C PHE A 440 7.80 -2.68 13.49
N PHE A 441 7.81 -3.96 13.76
CA PHE A 441 6.93 -4.89 12.99
C PHE A 441 5.48 -4.75 13.47
N ILE A 442 5.23 -4.38 14.72
CA ILE A 442 3.84 -4.09 15.18
C ILE A 442 3.39 -2.80 14.47
N MET A 443 4.17 -1.72 14.47
CA MET A 443 3.77 -0.54 13.69
C MET A 443 3.36 -0.94 12.25
N LEU A 444 4.20 -1.66 11.54
CA LEU A 444 3.97 -1.92 10.10
C LEU A 444 2.75 -2.85 9.98
N PHE A 445 2.55 -3.78 10.89
CA PHE A 445 1.45 -4.77 10.85
C PHE A 445 0.09 -4.05 10.95
N CYS A 446 -0.02 -3.11 11.88
CA CYS A 446 -1.24 -2.28 12.09
C CYS A 446 -1.49 -1.38 10.86
N LEU A 447 -0.47 -0.73 10.31
CA LEU A 447 -0.60 0.02 9.04
C LEU A 447 -1.14 -0.85 7.92
N GLY A 448 -0.59 -2.05 7.75
CA GLY A 448 -1.03 -3.04 6.75
C GLY A 448 -2.49 -3.34 6.92
N LEU A 449 -2.90 -3.50 8.17
CA LEU A 449 -4.25 -3.96 8.54
C LEU A 449 -5.27 -2.87 8.24
N SER A 450 -4.98 -1.67 8.70
CA SER A 450 -5.80 -0.47 8.46
C SER A 450 -6.05 -0.29 6.96
N SER A 451 -5.01 -0.39 6.14
CA SER A 451 -5.07 -0.37 4.66
C SER A 451 -5.86 -1.52 4.09
N MET A 452 -5.75 -2.70 4.71
CA MET A 452 -6.44 -3.91 4.19
C MET A 452 -7.96 -3.80 4.43
N PHE A 453 -8.41 -3.09 5.46
CA PHE A 453 -9.85 -2.84 5.71
C PHE A 453 -10.47 -2.05 4.55
N GLY A 454 -9.75 -1.09 3.97
CA GLY A 454 -10.28 -0.34 2.83
C GLY A 454 -10.33 -1.19 1.58
N ASN A 455 -9.28 -1.94 1.32
CA ASN A 455 -9.18 -2.77 0.10
C ASN A 455 -10.20 -3.88 0.13
N MET A 456 -10.51 -4.41 1.31
CA MET A 456 -11.54 -5.46 1.50
C MET A 456 -12.92 -4.86 1.25
N GLU A 457 -13.15 -3.67 1.79
CA GLU A 457 -14.38 -2.89 1.52
C GLU A 457 -14.61 -2.78 0.03
N GLY A 458 -13.58 -2.38 -0.71
CA GLY A 458 -13.63 -2.22 -2.16
C GLY A 458 -13.82 -3.51 -2.94
N VAL A 459 -13.72 -4.69 -2.37
CA VAL A 459 -14.04 -5.98 -3.07
C VAL A 459 -15.38 -6.51 -2.58
N VAL A 460 -15.67 -6.37 -1.28
CA VAL A 460 -16.87 -6.99 -0.65
C VAL A 460 -18.10 -6.23 -1.11
N VAL A 461 -18.10 -4.91 -0.99
CA VAL A 461 -19.29 -4.08 -1.30
C VAL A 461 -19.70 -4.30 -2.76
N PRO A 462 -18.82 -4.19 -3.78
CA PRO A 462 -19.23 -4.53 -5.15
C PRO A 462 -19.85 -5.93 -5.35
N LEU A 463 -19.30 -6.95 -4.72
CA LEU A 463 -19.85 -8.33 -4.83
C LEU A 463 -21.23 -8.39 -4.17
N GLN A 464 -21.45 -7.68 -3.05
CA GLN A 464 -22.81 -7.52 -2.48
C GLN A 464 -23.72 -6.82 -3.51
N ASP A 465 -23.21 -5.79 -4.18
CA ASP A 465 -23.99 -4.98 -5.15
C ASP A 465 -24.11 -5.68 -6.51
N LEU A 466 -23.43 -6.79 -6.75
CA LEU A 466 -23.61 -7.66 -7.95
C LEU A 466 -24.59 -8.79 -7.60
N ARG A 467 -25.11 -8.86 -6.37
CA ARG A 467 -26.07 -9.90 -5.89
C ARG A 467 -25.63 -11.28 -6.44
N VAL A 468 -24.41 -11.70 -6.16
CA VAL A 468 -23.82 -12.97 -6.70
C VAL A 468 -24.00 -14.11 -5.67
N ILE A 469 -23.93 -13.82 -4.38
CA ILE A 469 -24.21 -14.80 -3.27
C ILE A 469 -25.65 -14.65 -2.79
N PRO A 470 -26.37 -15.76 -2.43
CA PRO A 470 -27.72 -15.69 -1.84
C PRO A 470 -27.87 -14.62 -0.76
N PRO A 471 -28.75 -13.59 -0.92
CA PRO A 471 -28.95 -12.54 0.09
C PRO A 471 -29.17 -13.04 1.53
N LYS A 472 -29.94 -14.12 1.67
CA LYS A 472 -30.16 -14.88 2.93
C LYS A 472 -28.83 -15.07 3.68
N TRP A 473 -27.81 -15.61 3.01
CA TRP A 473 -26.47 -15.89 3.61
C TRP A 473 -25.95 -14.62 4.30
N PRO A 474 -25.47 -14.67 5.57
CA PRO A 474 -24.79 -13.53 6.21
C PRO A 474 -23.54 -13.03 5.46
N LYS A 475 -23.27 -11.73 5.55
CA LYS A 475 -22.04 -11.14 4.95
C LYS A 475 -20.81 -11.93 5.40
N GLU A 476 -20.79 -12.30 6.67
CA GLU A 476 -19.73 -13.17 7.25
C GLU A 476 -19.36 -14.27 6.25
N VAL A 477 -20.33 -14.91 5.63
CA VAL A 477 -20.06 -15.95 4.61
C VAL A 477 -19.32 -15.36 3.44
N LEU A 478 -19.74 -14.22 2.93
CA LEU A 478 -19.12 -13.64 1.71
C LEU A 478 -17.70 -13.18 2.04
N THR A 479 -17.52 -12.51 3.18
CA THR A 479 -16.20 -11.97 3.60
C THR A 479 -15.21 -13.14 3.64
N GLY A 480 -15.60 -14.23 4.32
CA GLY A 480 -14.82 -15.46 4.48
C GLY A 480 -14.34 -16.05 3.17
N LEU A 481 -15.22 -16.13 2.19
CA LEU A 481 -14.89 -16.75 0.88
C LEU A 481 -13.91 -15.86 0.11
N ILE A 482 -14.06 -14.54 0.16
CA ILE A 482 -13.05 -13.60 -0.41
C ILE A 482 -11.70 -13.84 0.28
N CYS A 483 -11.63 -13.91 1.61
CA CYS A 483 -10.37 -14.19 2.33
C CYS A 483 -9.79 -15.53 1.87
N LEU A 484 -10.59 -16.62 1.80
CA LEU A 484 -10.10 -17.94 1.30
C LEU A 484 -9.62 -17.86 -0.15
N GLY A 485 -10.40 -17.27 -1.04
CA GLY A 485 -10.04 -17.13 -2.46
C GLY A 485 -8.71 -16.44 -2.64
N THR A 486 -8.57 -15.27 -2.00
CA THR A 486 -7.35 -14.44 -2.11
C THR A 486 -6.17 -15.12 -1.40
N PHE A 487 -6.42 -15.77 -0.28
CA PHE A 487 -5.39 -16.61 0.39
C PHE A 487 -4.86 -17.66 -0.60
N LEU A 488 -5.74 -18.38 -1.27
CA LEU A 488 -5.27 -19.40 -2.24
C LEU A 488 -4.53 -18.73 -3.40
N ILE A 489 -4.96 -17.58 -3.92
CA ILE A 489 -4.21 -16.94 -5.03
C ILE A 489 -2.81 -16.57 -4.51
N GLY A 490 -2.69 -16.10 -3.27
CA GLY A 490 -1.39 -15.71 -2.70
C GLY A 490 -0.43 -16.86 -2.44
N PHE A 491 -0.72 -18.12 -2.80
CA PHE A 491 0.29 -19.23 -2.83
C PHE A 491 1.37 -19.00 -3.89
N ILE A 492 1.15 -18.18 -4.89
CA ILE A 492 2.19 -17.93 -5.92
C ILE A 492 3.34 -17.17 -5.26
N PHE A 493 3.10 -16.37 -4.23
CA PHE A 493 4.17 -15.55 -3.60
C PHE A 493 4.84 -16.30 -2.46
N THR A 494 4.44 -17.53 -2.24
CA THR A 494 5.03 -18.43 -1.23
C THR A 494 6.00 -19.40 -1.91
N LEU A 495 6.18 -19.25 -3.24
CA LEU A 495 7.01 -20.18 -4.03
C LEU A 495 8.47 -19.82 -3.78
N ASN A 496 9.40 -20.68 -4.14
CA ASN A 496 10.80 -20.23 -4.22
C ASN A 496 10.95 -18.92 -5.00
N SER A 497 10.26 -18.75 -6.12
CA SER A 497 10.36 -17.54 -6.98
C SER A 497 9.28 -16.52 -6.68
N GLY A 498 8.76 -16.37 -5.46
CA GLY A 498 7.62 -15.50 -5.12
C GLY A 498 7.91 -14.00 -5.23
N GLN A 499 8.95 -13.49 -4.55
CA GLN A 499 9.40 -12.07 -4.62
C GLN A 499 9.40 -11.60 -6.08
N TYR A 500 9.96 -12.39 -6.99
CA TYR A 500 10.03 -12.01 -8.43
C TYR A 500 8.63 -11.70 -8.97
N TRP A 501 7.68 -12.57 -8.67
CA TRP A 501 6.26 -12.33 -9.03
C TRP A 501 5.75 -11.07 -8.34
N LEU A 502 6.02 -10.88 -7.05
CA LEU A 502 5.52 -9.66 -6.32
C LEU A 502 6.11 -8.39 -6.95
N SER A 503 7.31 -8.47 -7.48
CA SER A 503 7.97 -7.30 -8.11
C SER A 503 7.35 -6.98 -9.48
N LEU A 504 6.60 -7.91 -10.11
CA LEU A 504 5.85 -7.58 -11.36
C LEU A 504 4.72 -6.61 -11.05
N LEU A 505 4.03 -6.79 -9.93
CA LEU A 505 2.97 -5.85 -9.47
C LEU A 505 3.60 -4.47 -9.19
N ASP A 506 4.85 -4.41 -8.73
CA ASP A 506 5.62 -3.14 -8.57
C ASP A 506 5.89 -2.48 -9.93
N SER A 507 5.76 -3.17 -11.06
CA SER A 507 5.90 -2.55 -12.41
C SER A 507 4.72 -1.64 -12.70
N TYR A 508 4.83 -0.89 -13.81
CA TYR A 508 3.74 -0.03 -14.36
C TYR A 508 2.40 -0.79 -14.47
N ALA A 509 2.45 -2.13 -14.56
CA ALA A 509 1.26 -3.01 -14.49
C ALA A 509 0.36 -2.68 -13.29
N GLY A 510 0.96 -2.37 -12.12
CA GLY A 510 0.20 -1.99 -10.91
C GLY A 510 -0.39 -0.59 -10.92
N SER A 511 -0.12 0.24 -11.94
CA SER A 511 -0.38 1.70 -11.88
C SER A 511 -1.29 2.16 -13.04
N ILE A 512 -1.02 1.79 -14.29
CA ILE A 512 -1.86 2.18 -15.47
C ILE A 512 -3.35 2.13 -15.06
N PRO A 513 -3.92 1.01 -14.57
CA PRO A 513 -5.34 0.95 -14.22
C PRO A 513 -5.76 2.09 -13.26
N LEU A 514 -5.00 2.28 -12.18
CA LEU A 514 -5.31 3.38 -11.22
C LEU A 514 -5.40 4.73 -11.93
N LEU A 515 -4.58 4.99 -12.93
CA LEU A 515 -4.55 6.31 -13.60
C LEU A 515 -5.81 6.42 -14.47
N ILE A 516 -6.24 5.33 -15.09
CA ILE A 516 -7.42 5.25 -16.01
C ILE A 516 -8.70 5.40 -15.17
N ILE A 517 -8.82 4.69 -14.03
CA ILE A 517 -10.02 4.76 -13.15
C ILE A 517 -10.22 6.20 -12.63
N ALA A 518 -9.16 6.82 -12.15
CA ALA A 518 -9.16 8.16 -11.51
C ALA A 518 -9.66 9.20 -12.51
N PHE A 519 -9.06 9.21 -13.72
CA PHE A 519 -9.49 10.06 -14.85
C PHE A 519 -11.00 9.87 -15.10
N CYS A 520 -11.44 8.63 -15.22
CA CYS A 520 -12.85 8.32 -15.61
C CYS A 520 -13.82 8.76 -14.52
N GLU A 521 -13.43 8.61 -13.25
CA GLU A 521 -14.23 9.12 -12.11
C GLU A 521 -14.41 10.62 -12.22
N MET A 522 -13.32 11.36 -12.38
CA MET A 522 -13.32 12.83 -12.54
C MET A 522 -14.21 13.21 -13.73
N PHE A 523 -13.96 12.61 -14.88
CA PHE A 523 -14.67 12.94 -16.14
C PHE A 523 -16.17 12.67 -15.94
N SER A 524 -16.53 11.50 -15.42
CA SER A 524 -17.95 11.06 -15.29
C SER A 524 -18.71 11.95 -14.30
N VAL A 525 -18.09 12.35 -13.19
CA VAL A 525 -18.75 13.25 -12.22
C VAL A 525 -18.91 14.63 -12.83
N VAL A 526 -17.97 15.11 -13.64
CA VAL A 526 -17.98 16.52 -14.12
C VAL A 526 -18.78 16.62 -15.42
N TYR A 527 -18.66 15.69 -16.34
CA TYR A 527 -19.30 15.78 -17.68
C TYR A 527 -20.48 14.81 -17.82
N VAL A 528 -20.55 13.66 -17.17
CA VAL A 528 -21.70 12.73 -17.41
C VAL A 528 -22.82 13.01 -16.40
N TYR A 529 -22.48 13.31 -15.17
CA TYR A 529 -23.44 13.65 -14.08
C TYR A 529 -23.73 15.15 -14.06
N GLY A 530 -22.69 15.93 -14.33
CA GLY A 530 -22.72 17.38 -14.45
C GLY A 530 -22.16 18.00 -13.21
N VAL A 531 -21.14 18.83 -13.36
CA VAL A 531 -20.53 19.57 -12.22
C VAL A 531 -21.57 20.57 -11.65
N ASP A 532 -22.43 21.17 -12.45
CA ASP A 532 -23.45 22.15 -11.97
C ASP A 532 -24.42 21.46 -11.01
N ARG A 533 -24.93 20.27 -11.35
CA ARG A 533 -25.78 19.52 -10.39
C ARG A 533 -24.94 19.19 -9.16
N PHE A 534 -23.72 18.71 -9.38
CA PHE A 534 -22.82 18.33 -8.26
C PHE A 534 -22.63 19.52 -7.29
N ASN A 535 -22.55 20.76 -7.77
CA ASN A 535 -22.40 21.94 -6.87
C ASN A 535 -23.66 22.20 -6.07
N LYS A 536 -24.84 22.11 -6.70
CA LYS A 536 -26.13 22.29 -5.98
C LYS A 536 -26.25 21.21 -4.91
N ASP A 537 -25.78 19.98 -5.22
CA ASP A 537 -25.77 18.79 -4.31
C ASP A 537 -24.91 19.08 -3.10
N ILE A 538 -23.66 19.48 -3.31
CA ILE A 538 -22.74 19.83 -2.19
C ILE A 538 -23.32 20.99 -1.37
N GLU A 539 -23.80 22.03 -2.03
CA GLU A 539 -24.47 23.20 -1.40
C GLU A 539 -25.61 22.74 -0.49
N PHE A 540 -26.33 21.71 -0.89
CA PHE A 540 -27.39 21.10 -0.05
C PHE A 540 -26.80 20.36 1.15
N MET A 541 -25.73 19.61 0.94
CA MET A 541 -25.12 18.75 1.99
C MET A 541 -24.38 19.64 3.01
N ILE A 542 -23.56 20.60 2.60
CA ILE A 542 -22.69 21.38 3.56
C ILE A 542 -23.02 22.88 3.65
N GLY A 543 -23.86 23.45 2.77
CA GLY A 543 -24.43 24.80 2.97
C GLY A 543 -23.80 25.89 2.10
N HIS A 544 -22.78 25.61 1.29
CA HIS A 544 -22.11 26.60 0.41
C HIS A 544 -21.60 25.89 -0.84
N LYS A 545 -21.66 26.54 -2.01
CA LYS A 545 -21.17 25.95 -3.27
C LYS A 545 -19.67 25.80 -3.13
N PRO A 546 -19.04 24.71 -3.63
CA PRO A 546 -17.58 24.61 -3.64
C PRO A 546 -16.95 25.83 -4.33
N ASN A 547 -15.89 26.36 -3.72
CA ASN A 547 -15.24 27.63 -4.14
C ASN A 547 -14.46 27.42 -5.42
N ILE A 548 -13.85 28.51 -5.93
CA ILE A 548 -13.20 28.51 -7.27
C ILE A 548 -11.97 27.59 -7.28
N PHE A 549 -11.31 27.26 -6.18
CA PHE A 549 -10.17 26.31 -6.23
C PHE A 549 -10.69 24.94 -6.71
N TRP A 550 -11.79 24.51 -6.13
CA TRP A 550 -12.43 23.23 -6.53
C TRP A 550 -12.98 23.31 -7.98
N GLN A 551 -13.44 24.45 -8.45
CA GLN A 551 -14.08 24.53 -9.80
C GLN A 551 -12.99 24.37 -10.85
N VAL A 552 -11.89 25.11 -10.72
CA VAL A 552 -10.71 25.03 -11.62
C VAL A 552 -10.12 23.61 -11.59
N THR A 553 -9.91 22.99 -10.43
CA THR A 553 -9.21 21.68 -10.40
C THR A 553 -10.11 20.61 -10.99
N TRP A 554 -11.40 20.59 -10.71
CA TRP A 554 -12.32 19.55 -11.27
C TRP A 554 -12.52 19.68 -12.77
N ARG A 555 -12.74 20.89 -13.27
CA ARG A 555 -13.15 21.11 -14.67
C ARG A 555 -11.95 21.00 -15.59
N VAL A 556 -10.79 21.55 -15.26
CA VAL A 556 -9.64 21.62 -16.22
C VAL A 556 -8.41 20.95 -15.64
N VAL A 557 -7.82 21.55 -14.61
CA VAL A 557 -6.47 21.17 -14.09
C VAL A 557 -6.39 19.65 -13.85
N SER A 558 -7.13 19.10 -12.89
CA SER A 558 -7.00 17.67 -12.50
C SER A 558 -7.14 16.75 -13.72
N PRO A 559 -8.23 16.84 -14.55
CA PRO A 559 -8.36 15.99 -15.73
C PRO A 559 -7.15 16.08 -16.67
N LEU A 560 -6.72 17.31 -16.96
CA LEU A 560 -5.59 17.53 -17.90
C LEU A 560 -4.30 16.94 -17.33
N LEU A 561 -3.99 17.18 -16.05
CA LEU A 561 -2.79 16.57 -15.40
C LEU A 561 -2.87 15.05 -15.50
N MET A 562 -4.03 14.46 -15.23
CA MET A 562 -4.20 12.99 -15.25
C MET A 562 -3.89 12.48 -16.67
N LEU A 563 -4.43 13.16 -17.68
CA LEU A 563 -4.27 12.82 -19.11
C LEU A 563 -2.79 12.87 -19.50
N ILE A 564 -2.13 14.01 -19.27
CA ILE A 564 -0.66 14.19 -19.49
C ILE A 564 0.03 12.98 -18.85
N ILE A 565 -0.17 12.74 -17.55
CA ILE A 565 0.59 11.69 -16.80
C ILE A 565 0.32 10.33 -17.49
N PHE A 566 -0.91 9.97 -17.78
CA PHE A 566 -1.23 8.69 -18.45
C PHE A 566 -0.49 8.62 -19.80
N LEU A 567 -0.51 9.70 -20.59
CA LEU A 567 0.13 9.74 -21.93
C LEU A 567 1.62 9.47 -21.73
N PHE A 568 2.34 10.36 -21.05
CA PHE A 568 3.82 10.22 -20.85
C PHE A 568 4.16 9.05 -19.92
N PHE A 569 3.20 8.33 -19.32
CA PHE A 569 3.47 7.05 -18.63
C PHE A 569 3.71 5.90 -19.61
N PHE A 570 3.51 6.10 -20.91
CA PHE A 570 3.74 5.09 -21.99
C PHE A 570 4.90 5.53 -22.86
N VAL A 571 5.07 6.84 -23.09
CA VAL A 571 6.18 7.47 -23.87
C VAL A 571 7.52 7.06 -23.25
N VAL A 572 7.56 6.90 -21.92
CA VAL A 572 8.76 6.41 -21.19
C VAL A 572 8.45 5.07 -20.53
N GLU A 573 7.75 4.96 -19.40
CA GLU A 573 7.58 3.71 -18.57
C GLU A 573 7.36 2.44 -19.44
N VAL A 574 6.23 2.34 -20.14
CA VAL A 574 5.78 1.12 -20.89
C VAL A 574 6.83 0.83 -21.98
N SER A 575 7.26 1.83 -22.75
CA SER A 575 8.27 1.69 -23.84
C SER A 575 9.55 1.02 -23.33
N GLN A 576 10.01 1.32 -22.11
CA GLN A 576 11.22 0.69 -21.50
C GLN A 576 11.02 -0.82 -21.33
N GLU A 577 12.12 -1.57 -21.25
CA GLU A 577 12.12 -3.06 -21.10
C GLU A 577 11.99 -3.41 -19.62
N LEU A 578 10.97 -4.21 -19.26
CA LEU A 578 10.77 -4.72 -17.88
C LEU A 578 11.97 -5.62 -17.56
N THR A 579 12.75 -5.22 -16.57
CA THR A 579 13.87 -5.98 -15.97
C THR A 579 13.65 -6.10 -14.47
N TYR A 580 14.21 -7.11 -13.84
CA TYR A 580 14.18 -7.34 -12.38
C TYR A 580 15.52 -7.87 -11.86
N SER A 581 15.65 -7.80 -10.54
CA SER A 581 16.93 -8.05 -9.85
C SER A 581 16.85 -9.45 -9.21
N ILE A 582 17.81 -10.32 -9.55
CA ILE A 582 17.90 -11.75 -9.12
C ILE A 582 18.96 -11.89 -8.06
N TRP A 583 18.78 -12.80 -7.14
CA TRP A 583 19.80 -13.14 -6.12
C TRP A 583 20.30 -14.54 -6.42
N ASP A 584 21.48 -14.64 -7.00
CA ASP A 584 22.06 -15.96 -7.35
C ASP A 584 23.44 -16.03 -6.74
N PRO A 585 23.70 -16.82 -5.66
CA PRO A 585 25.04 -16.84 -5.06
C PRO A 585 26.13 -17.32 -6.02
N GLY A 586 25.79 -18.09 -7.07
CA GLY A 586 26.71 -18.37 -8.20
C GLY A 586 26.92 -17.25 -9.23
N TYR A 587 26.86 -15.96 -8.89
CA TYR A 587 27.06 -14.83 -9.87
C TYR A 587 28.38 -14.11 -9.56
N GLU A 588 29.17 -13.77 -10.56
CA GLU A 588 30.42 -12.95 -10.37
C GLU A 588 30.01 -11.60 -9.75
N GLU A 589 30.86 -10.94 -8.97
CA GLU A 589 30.43 -9.80 -8.11
C GLU A 589 29.12 -10.20 -7.43
N PHE A 590 29.12 -11.29 -6.69
CA PHE A 590 27.90 -11.97 -6.18
C PHE A 590 27.03 -11.05 -5.34
N PRO A 591 27.48 -10.43 -4.22
CA PRO A 591 26.53 -9.67 -3.39
C PRO A 591 26.05 -8.42 -4.16
N LYS A 592 26.58 -8.18 -5.37
CA LYS A 592 26.19 -7.07 -6.26
C LYS A 592 25.04 -7.48 -7.19
N SER A 593 24.46 -6.46 -7.80
CA SER A 593 23.10 -6.51 -8.43
C SER A 593 23.21 -6.96 -9.89
N GLN A 594 22.52 -8.06 -10.20
CA GLN A 594 22.41 -8.61 -11.57
C GLN A 594 20.94 -8.47 -12.00
N LYS A 595 20.59 -7.41 -12.71
CA LYS A 595 19.25 -7.22 -13.32
C LYS A 595 19.27 -7.97 -14.63
N ILE A 596 18.22 -8.73 -14.93
CA ILE A 596 18.11 -9.54 -16.17
C ILE A 596 16.80 -9.14 -16.85
N SER A 597 16.46 -9.76 -17.96
CA SER A 597 15.17 -9.50 -18.64
C SER A 597 14.19 -10.58 -18.20
N TYR A 598 12.96 -10.19 -17.90
CA TYR A 598 11.88 -11.16 -17.67
C TYR A 598 11.66 -11.98 -18.94
N PRO A 599 11.25 -13.27 -18.86
CA PRO A 599 10.86 -14.04 -20.04
C PRO A 599 9.73 -13.35 -20.83
N ASN A 600 9.49 -13.80 -22.05
CA ASN A 600 8.39 -13.29 -22.90
C ASN A 600 7.04 -13.53 -22.23
N TRP A 601 6.81 -14.73 -21.71
CA TRP A 601 5.49 -15.13 -21.12
C TRP A 601 5.03 -14.22 -19.98
N VAL A 602 5.91 -13.50 -19.28
CA VAL A 602 5.47 -12.54 -18.23
C VAL A 602 4.66 -11.40 -18.88
N TYR A 603 4.91 -11.06 -20.14
CA TYR A 603 4.12 -10.01 -20.84
C TYR A 603 2.66 -10.48 -20.81
N VAL A 604 2.43 -11.78 -21.06
CA VAL A 604 1.06 -12.39 -20.91
C VAL A 604 0.47 -12.18 -19.49
N VAL A 605 1.21 -11.68 -18.49
CA VAL A 605 0.73 -11.42 -17.11
C VAL A 605 0.47 -9.92 -16.96
N VAL A 606 1.48 -9.08 -17.21
CA VAL A 606 1.32 -7.60 -17.22
C VAL A 606 0.13 -7.24 -18.11
N VAL A 607 0.03 -7.86 -19.31
CA VAL A 607 -1.06 -7.58 -20.31
C VAL A 607 -2.43 -7.76 -19.67
N ILE A 608 -2.63 -8.70 -18.73
CA ILE A 608 -3.96 -8.91 -18.07
C ILE A 608 -4.07 -8.10 -16.78
N VAL A 609 -3.12 -8.29 -15.86
CA VAL A 609 -3.16 -7.71 -14.48
C VAL A 609 -3.47 -6.21 -14.60
N ALA A 610 -2.95 -5.52 -15.62
CA ALA A 610 -3.23 -4.11 -15.92
C ALA A 610 -4.37 -3.95 -16.97
N GLY A 611 -4.27 -4.64 -18.12
CA GLY A 611 -5.20 -4.46 -19.26
C GLY A 611 -6.65 -4.65 -18.83
N VAL A 612 -6.98 -5.90 -18.46
CA VAL A 612 -8.34 -6.34 -18.01
C VAL A 612 -9.02 -5.19 -17.24
N PRO A 613 -8.55 -4.77 -16.01
CA PRO A 613 -9.26 -3.72 -15.26
C PRO A 613 -9.54 -2.50 -16.13
N SER A 614 -8.50 -1.98 -16.78
CA SER A 614 -8.60 -0.81 -17.69
C SER A 614 -9.67 -1.08 -18.75
N LEU A 615 -9.59 -2.23 -19.41
CA LEU A 615 -10.46 -2.55 -20.58
C LEU A 615 -11.88 -2.90 -20.10
N THR A 616 -12.06 -3.33 -18.85
CA THR A 616 -13.40 -3.45 -18.24
C THR A 616 -14.20 -2.13 -18.43
N ILE A 617 -13.58 -0.94 -18.31
CA ILE A 617 -14.33 0.34 -18.40
C ILE A 617 -15.00 0.41 -19.77
N PRO A 618 -14.29 0.43 -20.91
CA PRO A 618 -14.93 0.52 -22.22
C PRO A 618 -15.67 -0.78 -22.57
N GLY A 619 -15.02 -1.92 -22.38
CA GLY A 619 -15.60 -3.25 -22.62
C GLY A 619 -17.02 -3.34 -22.11
N TYR A 620 -17.31 -2.91 -20.89
CA TYR A 620 -18.68 -3.04 -20.32
C TYR A 620 -19.55 -2.00 -21.03
N ALA A 621 -19.02 -0.81 -21.26
CA ALA A 621 -19.75 0.30 -21.90
C ALA A 621 -20.18 -0.12 -23.31
N ILE A 622 -19.31 -0.78 -24.08
CA ILE A 622 -19.60 -1.23 -25.47
C ILE A 622 -20.64 -2.37 -25.42
N TYR A 623 -20.51 -3.33 -24.49
CA TYR A 623 -21.53 -4.38 -24.19
C TYR A 623 -22.91 -3.75 -23.98
N LYS A 624 -22.98 -2.65 -23.22
CA LYS A 624 -24.27 -2.02 -22.82
C LYS A 624 -24.86 -1.25 -24.01
N LEU A 625 -24.06 -0.67 -24.89
CA LEU A 625 -24.56 0.08 -26.08
C LEU A 625 -24.74 -0.84 -27.31
N ILE A 626 -24.53 -2.16 -27.20
CA ILE A 626 -24.95 -3.17 -28.22
C ILE A 626 -26.03 -4.11 -27.66
N ARG A 627 -26.38 -3.98 -26.40
CA ARG A 627 -27.55 -4.74 -25.87
C ARG A 627 -28.74 -3.82 -26.11
N ASN A 628 -28.56 -2.49 -25.93
CA ASN A 628 -29.62 -1.48 -26.21
C ASN A 628 -30.17 -1.70 -27.63
N HIS A 629 -29.32 -1.97 -28.63
CA HIS A 629 -29.76 -2.33 -30.02
C HIS A 629 -30.14 -3.82 -30.08
N PRO B 738 17.67 -23.97 20.46
CA PRO B 738 16.25 -24.05 20.83
C PRO B 738 15.63 -25.40 20.47
N PRO B 739 14.96 -26.13 21.40
CA PRO B 739 14.32 -27.41 21.07
C PRO B 739 13.10 -27.17 20.15
N VAL B 740 12.32 -26.13 20.45
CA VAL B 740 11.28 -25.53 19.56
C VAL B 740 11.77 -24.15 19.14
N SER B 741 11.69 -23.86 17.83
CA SER B 741 11.87 -22.53 17.19
C SER B 741 10.95 -21.52 17.84
N ILE B 742 11.44 -20.37 18.29
CA ILE B 742 10.56 -19.44 19.09
C ILE B 742 9.48 -18.84 18.18
N TRP B 743 9.70 -18.71 16.86
CA TRP B 743 8.67 -18.14 15.96
C TRP B 743 7.41 -19.03 15.93
N LEU B 744 7.55 -20.33 16.11
CA LEU B 744 6.40 -21.27 16.10
C LEU B 744 5.60 -21.18 17.39
N ILE B 745 6.24 -20.93 18.52
CA ILE B 745 5.55 -20.66 19.82
C ILE B 745 4.77 -19.37 19.68
N VAL B 746 5.34 -18.33 19.07
CA VAL B 746 4.66 -17.01 18.88
C VAL B 746 3.48 -17.18 17.90
N PHE B 747 3.71 -17.89 16.80
CA PHE B 747 2.68 -18.11 15.76
C PHE B 747 1.51 -18.87 16.39
N GLY B 748 1.79 -19.91 17.18
CA GLY B 748 0.77 -20.74 17.84
C GLY B 748 -0.14 -19.90 18.72
N VAL B 749 0.46 -19.12 19.61
CA VAL B 749 -0.29 -18.24 20.55
C VAL B 749 -1.15 -17.26 19.74
N VAL B 750 -0.56 -16.55 18.77
CA VAL B 750 -1.30 -15.53 17.92
C VAL B 750 -2.44 -16.25 17.20
N MET B 751 -2.14 -17.34 16.50
CA MET B 751 -3.17 -18.10 15.71
C MET B 751 -4.27 -18.62 16.65
N GLY B 752 -3.94 -19.07 17.86
CA GLY B 752 -4.91 -19.52 18.86
C GLY B 752 -5.86 -18.41 19.26
N VAL B 753 -5.30 -17.28 19.64
CA VAL B 753 -6.06 -16.05 19.99
C VAL B 753 -6.97 -15.71 18.81
N ILE B 754 -6.44 -15.65 17.60
CA ILE B 754 -7.22 -15.25 16.38
C ILE B 754 -8.38 -16.22 16.15
N VAL B 755 -8.16 -17.53 16.23
CA VAL B 755 -9.24 -18.52 15.92
C VAL B 755 -10.30 -18.41 17.00
N VAL B 756 -9.92 -18.23 18.25
CA VAL B 756 -10.91 -18.05 19.35
C VAL B 756 -11.68 -16.76 19.07
N GLY B 757 -11.00 -15.68 18.67
CA GLY B 757 -11.67 -14.43 18.20
C GLY B 757 -12.72 -14.71 17.11
N ILE B 758 -12.34 -15.45 16.06
CA ILE B 758 -13.19 -15.73 14.88
C ILE B 758 -14.43 -16.45 15.41
N VAL B 759 -14.24 -17.46 16.24
CA VAL B 759 -15.35 -18.33 16.73
C VAL B 759 -16.29 -17.49 17.61
N ILE B 760 -15.76 -16.69 18.53
CA ILE B 760 -16.57 -15.79 19.39
C ILE B 760 -17.39 -14.86 18.52
N LEU B 761 -16.77 -14.23 17.52
CA LEU B 761 -17.46 -13.25 16.64
C LEU B 761 -18.53 -13.97 15.79
N ILE B 762 -18.31 -15.18 15.30
CA ILE B 762 -19.36 -15.93 14.56
C ILE B 762 -20.57 -16.21 15.48
N PHE B 763 -20.33 -16.74 16.67
CA PHE B 763 -21.42 -17.07 17.61
C PHE B 763 -22.07 -15.79 18.12
N THR B 764 -21.32 -14.71 18.34
CA THR B 764 -21.90 -13.39 18.71
C THR B 764 -22.85 -12.93 17.61
N GLY B 765 -22.38 -12.90 16.37
CA GLY B 765 -23.19 -12.45 15.22
C GLY B 765 -24.49 -13.22 15.12
N ILE B 766 -24.46 -14.55 15.28
CA ILE B 766 -25.66 -15.44 15.31
C ILE B 766 -26.58 -15.04 16.49
N ARG B 767 -26.00 -14.83 17.67
CA ARG B 767 -26.75 -14.49 18.90
C ARG B 767 -27.35 -13.07 18.80
N ASP B 768 -26.93 -12.17 17.90
CA ASP B 768 -27.47 -10.79 17.80
C ASP B 768 -28.84 -10.85 17.11
N ARG B 769 -29.87 -11.23 17.89
CA ARG B 769 -31.33 -11.32 17.54
C ARG B 769 -32.12 -10.54 18.60
#